data_5RPM
#
_entry.id   5RPM
#
_cell.length_a   67.770
_cell.length_b   67.770
_cell.length_c   102.290
_cell.angle_alpha   90.000
_cell.angle_beta   90.000
_cell.angle_gamma   90.000
#
_symmetry.space_group_name_H-M   'P 43 21 2'
#
loop_
_entity.id
_entity.type
_entity.pdbx_description
1 polymer 'Proteinase K'
2 non-polymer 'SULFATE ION'
3 non-polymer 4-HYDROXYBENZAMIDE
4 water water
#
_entity_poly.entity_id   1
_entity_poly.type   'polypeptide(L)'
_entity_poly.pdbx_seq_one_letter_code
;AAQTNAPWGLARISSTSPGTSTYYYDESAGQGSCVYVIDTGIEASHPEFEGRAQMVKTYYYSSRDGNGHGTHCAGTVGSR
TYGVAKKTQLFGVKVLDDNGSGQYSTIIAGMDFVASDKNNRNCPKGVVASLSLGGGYSSSVNSAAARLQSSGVMVAVAAG
NNNADARNYSPASEPSVCTVGASDRYDRRSSFSNYGSVLDIFGPGTDILSTWIGGSTRSISGTSMATPHVAGLAAYLMTL
GKTTAASACRYIADTANKGDLSNIPFGTVNLLAYNNYQA
;
_entity_poly.pdbx_strand_id   A
#
# COMPACT_ATOMS: atom_id res chain seq x y z
N ALA A 1 -1.35 21.58 -2.23
CA ALA A 1 -0.08 21.60 -1.51
C ALA A 1 1.02 21.02 -2.39
N ALA A 2 2.26 21.41 -2.12
CA ALA A 2 3.41 20.96 -2.88
C ALA A 2 4.53 20.63 -1.92
N GLN A 3 5.11 19.44 -2.06
CA GLN A 3 6.28 19.03 -1.31
C GLN A 3 7.44 18.92 -2.28
N THR A 4 8.39 19.85 -2.19
CA THR A 4 9.52 19.84 -3.11
C THR A 4 10.52 18.75 -2.74
N ASN A 5 11.27 18.31 -3.75
CA ASN A 5 12.29 17.27 -3.59
C ASN A 5 11.76 16.06 -2.85
N ALA A 6 10.57 15.62 -3.24
CA ALA A 6 9.92 14.47 -2.64
C ALA A 6 10.57 13.21 -3.19
N PRO A 7 10.37 12.06 -2.55
CA PRO A 7 10.78 10.82 -3.20
C PRO A 7 10.11 10.69 -4.55
N TRP A 8 10.82 10.06 -5.49
CA TRP A 8 10.35 10.03 -6.87
C TRP A 8 8.95 9.42 -6.98
N GLY A 9 8.63 8.43 -6.13
CA GLY A 9 7.35 7.76 -6.24
C GLY A 9 6.18 8.66 -5.89
N LEU A 10 6.34 9.51 -4.87
CA LEU A 10 5.30 10.49 -4.57
C LEU A 10 5.12 11.46 -5.73
N ALA A 11 6.24 11.96 -6.27
CA ALA A 11 6.12 12.85 -7.43
C ALA A 11 5.44 12.14 -8.58
N ARG A 12 5.73 10.86 -8.78
CA ARG A 12 5.16 10.14 -9.91
C ARG A 12 3.65 10.02 -9.79
N ILE A 13 3.15 9.70 -8.59
CA ILE A 13 1.72 9.52 -8.45
C ILE A 13 0.93 10.83 -8.51
N SER A 14 1.59 11.98 -8.49
CA SER A 14 0.88 13.24 -8.74
C SER A 14 1.25 13.87 -10.08
N SER A 15 1.80 13.10 -11.00
CA SER A 15 2.24 13.64 -12.28
C SER A 15 1.69 12.83 -13.44
N THR A 16 1.41 13.54 -14.54
CA THR A 16 1.12 12.88 -15.82
C THR A 16 2.37 12.47 -16.58
N SER A 17 3.56 12.81 -16.08
CA SER A 17 4.81 12.51 -16.76
C SER A 17 5.85 12.04 -15.74
N PRO A 18 6.74 11.13 -16.14
CA PRO A 18 7.89 10.82 -15.29
C PRO A 18 8.87 11.98 -15.30
N GLY A 19 9.83 11.92 -14.39
CA GLY A 19 10.93 12.86 -14.41
C GLY A 19 10.71 14.14 -13.64
N THR A 20 9.75 14.18 -12.72
CA THR A 20 9.57 15.35 -11.87
C THR A 20 9.83 14.95 -10.42
N SER A 21 9.96 15.95 -9.55
CA SER A 21 10.40 15.70 -8.19
C SER A 21 9.55 16.34 -7.11
N THR A 22 8.48 17.03 -7.46
CA THR A 22 7.58 17.61 -6.46
C THR A 22 6.30 16.78 -6.36
N TYR A 23 5.86 16.52 -5.14
CA TYR A 23 4.59 15.85 -4.89
C TYR A 23 3.50 16.89 -4.64
N TYR A 24 2.42 16.83 -5.42
CA TYR A 24 1.31 17.76 -5.30
C TYR A 24 0.08 17.01 -4.82
N TYR A 25 -0.62 17.57 -3.84
CA TYR A 25 -1.73 16.87 -3.23
C TYR A 25 -2.61 17.87 -2.50
N ASP A 26 -3.90 17.54 -2.38
CA ASP A 26 -4.79 18.36 -1.59
C ASP A 26 -4.41 18.29 -0.11
N GLU A 27 -4.43 19.45 0.55
CA GLU A 27 -3.94 19.54 1.92
C GLU A 27 -4.76 18.72 2.91
N SER A 28 -5.95 18.25 2.54
CA SER A 28 -6.69 17.34 3.42
C SER A 28 -5.87 16.11 3.76
N ALA A 29 -5.08 15.61 2.80
CA ALA A 29 -4.00 14.66 3.08
C ALA A 29 -4.47 13.40 3.80
N GLY A 30 -5.68 12.92 3.53
CA GLY A 30 -6.16 11.71 4.19
C GLY A 30 -6.61 11.88 5.62
N GLN A 31 -6.78 13.11 6.11
CA GLN A 31 -7.32 13.34 7.44
C GLN A 31 -8.68 12.65 7.59
N GLY A 32 -8.88 11.96 8.70
CA GLY A 32 -10.15 11.31 8.96
C GLY A 32 -10.25 9.90 8.40
N SER A 33 -9.24 9.45 7.66
CA SER A 33 -9.16 8.08 7.18
C SER A 33 -8.23 7.28 8.07
N CYS A 34 -8.24 5.96 7.88
CA CYS A 34 -7.35 5.07 8.61
C CYS A 34 -6.78 4.03 7.67
N VAL A 35 -5.50 3.71 7.85
CA VAL A 35 -4.86 2.67 7.06
C VAL A 35 -4.22 1.65 7.98
N TYR A 36 -4.63 0.40 7.85
CA TYR A 36 -4.00 -0.68 8.58
C TYR A 36 -2.85 -1.23 7.74
N VAL A 37 -1.68 -1.34 8.35
CA VAL A 37 -0.51 -1.89 7.69
C VAL A 37 -0.26 -3.26 8.33
N ILE A 38 -0.55 -4.31 7.57
CA ILE A 38 -0.52 -5.68 8.06
C ILE A 38 0.81 -6.26 7.61
N ASP A 39 1.74 -6.42 8.55
CA ASP A 39 3.15 -6.57 8.16
C ASP A 39 3.98 -6.97 9.37
N THR A 40 5.23 -6.50 9.45
CA THR A 40 6.14 -6.82 10.56
C THR A 40 5.98 -5.89 11.74
N GLY A 41 5.00 -4.98 11.72
CA GLY A 41 4.84 -3.96 12.75
C GLY A 41 5.17 -2.59 12.20
N ILE A 42 5.05 -1.60 13.07
CA ILE A 42 5.41 -0.22 12.75
C ILE A 42 6.13 0.37 13.95
N GLU A 43 7.29 0.98 13.70
CA GLU A 43 7.96 1.75 14.75
C GLU A 43 7.22 3.08 14.91
N ALA A 44 6.16 3.04 15.73
CA ALA A 44 5.27 4.20 15.85
C ALA A 44 5.96 5.42 16.45
N SER A 45 7.03 5.20 17.23
CA SER A 45 7.78 6.30 17.82
C SER A 45 8.62 7.09 16.81
N HIS A 46 8.72 6.63 15.57
CA HIS A 46 9.52 7.35 14.59
C HIS A 46 8.98 8.77 14.42
N PRO A 47 9.83 9.80 14.51
CA PRO A 47 9.34 11.18 14.38
C PRO A 47 8.51 11.42 13.13
N GLU A 48 8.77 10.65 12.08
CA GLU A 48 8.06 10.81 10.82
C GLU A 48 6.57 10.50 10.93
N PHE A 49 6.14 9.77 11.96
CA PHE A 49 4.72 9.43 12.10
C PHE A 49 3.95 10.44 12.94
N GLU A 50 4.63 11.30 13.72
CA GLU A 50 3.99 12.44 14.36
C GLU A 50 2.88 12.06 15.34
N GLY A 51 2.97 10.87 15.95
CA GLY A 51 1.91 10.43 16.84
C GLY A 51 0.71 9.82 16.14
N ARG A 52 0.70 9.74 14.82
CA ARG A 52 -0.43 9.23 14.06
C ARG A 52 -0.38 7.73 13.83
N ALA A 53 0.68 7.06 14.28
CA ALA A 53 0.76 5.61 14.14
C ALA A 53 0.61 4.93 15.49
N GLN A 54 0.03 3.74 15.47
CA GLN A 54 -0.02 2.96 16.69
C GLN A 54 -0.15 1.49 16.34
N MET A 55 0.51 0.65 17.14
CA MET A 55 0.31 -0.78 17.02
C MET A 55 -0.99 -1.16 17.72
N VAL A 56 -1.76 -2.02 17.07
CA VAL A 56 -3.03 -2.47 17.62
C VAL A 56 -3.11 -3.98 17.78
N LYS A 57 -2.23 -4.76 17.16
CA LYS A 57 -2.28 -6.21 17.29
C LYS A 57 -0.93 -6.80 16.90
N THR A 58 -0.50 -7.80 17.65
CA THR A 58 0.63 -8.63 17.27
C THR A 58 0.28 -10.08 17.54
N TYR A 59 0.92 -10.99 16.80
CA TYR A 59 0.76 -12.41 17.01
C TYR A 59 2.03 -13.05 17.56
N TYR A 60 2.98 -12.23 18.00
CA TYR A 60 4.27 -12.66 18.45
C TYR A 60 4.53 -12.10 19.84
N TYR A 61 5.67 -12.44 20.42
CA TYR A 61 5.95 -12.04 21.79
C TYR A 61 6.01 -10.53 21.96
N SER A 62 6.23 -9.76 20.88
CA SER A 62 6.28 -8.31 20.95
C SER A 62 5.57 -7.70 19.76
N SER A 63 5.16 -6.45 19.93
CA SER A 63 4.61 -5.66 18.83
C SER A 63 5.68 -4.84 18.12
N ARG A 64 6.93 -4.93 18.56
CA ARG A 64 7.99 -4.14 17.96
C ARG A 64 8.27 -4.64 16.54
N ASP A 65 8.50 -3.69 15.63
CA ASP A 65 9.03 -4.03 14.31
C ASP A 65 10.53 -4.22 14.45
N GLY A 66 10.97 -5.46 14.52
CA GLY A 66 12.38 -5.79 14.54
C GLY A 66 12.97 -6.01 13.17
N ASN A 67 12.21 -5.77 12.11
CA ASN A 67 12.66 -6.00 10.75
C ASN A 67 12.89 -4.71 9.97
N GLY A 68 11.90 -3.80 9.96
CA GLY A 68 11.95 -2.57 9.21
C GLY A 68 10.95 -2.52 8.08
N HIS A 69 10.61 -3.68 7.50
CA HIS A 69 9.74 -3.71 6.33
C HIS A 69 8.39 -3.04 6.60
N GLY A 70 7.73 -3.40 7.70
CA GLY A 70 6.45 -2.79 8.02
C GLY A 70 6.54 -1.29 8.25
N THR A 71 7.63 -0.85 8.90
CA THR A 71 7.83 0.58 9.12
C THR A 71 8.03 1.31 7.80
N HIS A 72 8.74 0.69 6.86
CA HIS A 72 8.94 1.30 5.55
C HIS A 72 7.63 1.44 4.80
N CYS A 73 6.83 0.38 4.79
CA CYS A 73 5.54 0.43 4.11
C CYS A 73 4.62 1.46 4.76
N ALA A 74 4.58 1.48 6.10
CA ALA A 74 3.76 2.47 6.78
C ALA A 74 4.21 3.89 6.44
N GLY A 75 5.52 4.09 6.31
CA GLY A 75 6.02 5.39 5.94
C GLY A 75 5.56 5.84 4.56
N THR A 76 5.48 4.91 3.61
CA THR A 76 4.99 5.26 2.28
C THR A 76 3.49 5.56 2.30
N VAL A 77 2.73 4.90 3.17
CA VAL A 77 1.32 5.25 3.32
C VAL A 77 1.17 6.66 3.85
N GLY A 78 1.86 6.97 4.96
CA GLY A 78 1.46 8.09 5.79
C GLY A 78 2.52 8.84 6.58
N SER A 79 3.82 8.63 6.34
CA SER A 79 4.78 9.48 7.04
C SER A 79 4.72 10.91 6.50
N ARG A 80 5.17 11.86 7.34
CA ARG A 80 5.12 13.26 6.94
C ARG A 80 5.94 13.52 5.68
N THR A 81 7.15 12.97 5.58
CA THR A 81 8.01 13.25 4.43
C THR A 81 7.84 12.25 3.31
N TYR A 82 7.68 10.97 3.63
CA TYR A 82 7.74 9.91 2.64
C TYR A 82 6.37 9.35 2.28
N GLY A 83 5.30 9.90 2.85
CA GLY A 83 3.98 9.32 2.71
C GLY A 83 3.05 10.01 1.74
N VAL A 84 2.14 9.20 1.18
CA VAL A 84 1.12 9.70 0.26
C VAL A 84 0.05 10.50 1.01
N ALA A 85 -0.42 9.95 2.13
CA ALA A 85 -1.56 10.49 2.88
C ALA A 85 -1.03 10.96 4.23
N LYS A 86 -0.56 12.19 4.26
CA LYS A 86 0.28 12.67 5.36
C LYS A 86 -0.47 12.93 6.66
N LYS A 87 -1.80 12.83 6.65
CA LYS A 87 -2.60 13.07 7.84
C LYS A 87 -3.47 11.87 8.20
N THR A 88 -3.26 10.72 7.55
CA THR A 88 -4.04 9.55 7.90
C THR A 88 -3.59 8.98 9.24
N GLN A 89 -4.46 8.18 9.84
CA GLN A 89 -4.14 7.41 11.03
C GLN A 89 -3.64 6.04 10.58
N LEU A 90 -2.51 5.62 11.13
CA LEU A 90 -1.89 4.34 10.77
C LEU A 90 -2.06 3.36 11.91
N PHE A 91 -2.49 2.14 11.61
CA PHE A 91 -2.63 1.08 12.60
C PHE A 91 -1.79 -0.11 12.18
N GLY A 92 -0.92 -0.57 13.08
CA GLY A 92 -0.04 -1.68 12.79
C GLY A 92 -0.60 -3.00 13.31
N VAL A 93 -0.55 -4.00 12.44
CA VAL A 93 -0.96 -5.37 12.77
C VAL A 93 0.21 -6.27 12.41
N LYS A 94 0.88 -6.82 13.42
CA LYS A 94 2.11 -7.59 13.19
C LYS A 94 1.76 -9.05 12.97
N VAL A 95 1.60 -9.42 11.69
CA VAL A 95 1.41 -10.82 11.30
C VAL A 95 2.70 -11.49 10.85
N LEU A 96 3.77 -10.73 10.62
CA LEU A 96 5.05 -11.28 10.20
C LEU A 96 6.05 -11.09 11.32
N ASP A 97 6.89 -12.11 11.53
CA ASP A 97 7.93 -12.04 12.54
C ASP A 97 9.07 -11.13 12.06
N ASP A 98 10.11 -11.01 12.88
CA ASP A 98 11.18 -10.09 12.55
C ASP A 98 12.08 -10.57 11.42
N ASN A 99 11.90 -11.80 10.95
CA ASN A 99 12.53 -12.25 9.74
C ASN A 99 11.65 -12.06 8.51
N GLY A 100 10.48 -11.44 8.68
CA GLY A 100 9.56 -11.22 7.58
C GLY A 100 8.69 -12.40 7.23
N SER A 101 8.63 -13.41 8.10
CA SER A 101 7.91 -14.65 7.82
C SER A 101 6.65 -14.72 8.65
N GLY A 102 5.65 -15.44 8.13
CA GLY A 102 4.42 -15.64 8.86
C GLY A 102 3.64 -16.81 8.30
N GLN A 103 3.01 -17.59 9.18
CA GLN A 103 2.16 -18.66 8.73
C GLN A 103 0.89 -18.09 8.12
N TYR A 104 0.35 -18.80 7.13
CA TYR A 104 -0.85 -18.32 6.48
C TYR A 104 -2.00 -18.14 7.47
N SER A 105 -2.08 -18.99 8.48
CA SER A 105 -3.17 -18.87 9.45
C SER A 105 -3.06 -17.58 10.25
N THR A 106 -1.84 -17.13 10.54
CA THR A 106 -1.65 -15.86 11.24
C THR A 106 -2.05 -14.68 10.36
N ILE A 107 -1.70 -14.75 9.08
CA ILE A 107 -2.05 -13.69 8.17
C ILE A 107 -3.57 -13.58 8.03
N ILE A 108 -4.24 -14.74 7.96
CA ILE A 108 -5.70 -14.77 7.90
C ILE A 108 -6.28 -14.15 9.17
N ALA A 109 -5.78 -14.55 10.33
CA ALA A 109 -6.26 -13.98 11.58
C ALA A 109 -6.09 -12.46 11.60
N GLY A 110 -4.95 -11.97 11.11
CA GLY A 110 -4.76 -10.52 11.09
C GLY A 110 -5.75 -9.79 10.20
N MET A 111 -6.11 -10.40 9.06
CA MET A 111 -7.11 -9.79 8.17
C MET A 111 -8.48 -9.77 8.83
N ASP A 112 -8.89 -10.89 9.44
CA ASP A 112 -10.15 -10.92 10.17
C ASP A 112 -10.12 -9.93 11.33
N PHE A 113 -8.97 -9.76 11.96
CA PHE A 113 -8.86 -8.76 13.02
C PHE A 113 -9.19 -7.37 12.51
N VAL A 114 -8.62 -6.98 11.37
CA VAL A 114 -8.87 -5.63 10.85
C VAL A 114 -10.35 -5.44 10.54
N ALA A 115 -10.98 -6.46 9.95
CA ALA A 115 -12.39 -6.34 9.59
C ALA A 115 -13.25 -6.03 10.81
N SER A 116 -12.88 -6.56 11.98
CA SER A 116 -13.59 -6.26 13.22
C SER A 116 -13.09 -4.98 13.88
N ASP A 117 -11.76 -4.84 13.99
CA ASP A 117 -11.17 -3.76 14.76
C ASP A 117 -11.53 -2.39 14.20
N LYS A 118 -11.79 -2.28 12.89
CA LYS A 118 -12.17 -0.99 12.36
C LYS A 118 -13.42 -0.43 13.04
N ASN A 119 -14.27 -1.30 13.61
CA ASN A 119 -15.43 -0.86 14.37
C ASN A 119 -15.07 -0.28 15.73
N ASN A 120 -13.82 -0.41 16.16
CA ASN A 120 -13.32 0.19 17.38
C ASN A 120 -12.54 1.48 17.12
N ARG A 121 -12.44 1.90 15.86
CA ARG A 121 -11.60 3.04 15.51
C ARG A 121 -12.43 4.10 14.79
N ASN A 122 -12.01 5.34 14.94
CA ASN A 122 -12.72 6.47 14.35
C ASN A 122 -12.09 6.77 13.00
N CYS A 123 -12.78 6.38 11.94
CA CYS A 123 -12.29 6.51 10.57
C CYS A 123 -13.43 6.99 9.71
N PRO A 124 -13.96 8.20 9.98
CA PRO A 124 -15.18 8.62 9.28
C PRO A 124 -15.02 8.73 7.79
N LYS A 125 -13.81 8.95 7.28
CA LYS A 125 -13.62 9.07 5.85
C LYS A 125 -13.37 7.73 5.17
N GLY A 126 -13.08 6.69 5.93
CA GLY A 126 -12.90 5.39 5.32
C GLY A 126 -11.69 4.64 5.84
N VAL A 127 -11.66 3.35 5.55
CA VAL A 127 -10.66 2.42 6.07
C VAL A 127 -10.00 1.71 4.91
N VAL A 128 -8.67 1.62 4.97
CA VAL A 128 -7.83 0.94 3.99
C VAL A 128 -6.97 -0.08 4.72
N ALA A 129 -6.61 -1.16 4.02
CA ALA A 129 -5.64 -2.11 4.53
C ALA A 129 -4.58 -2.33 3.46
N SER A 130 -3.32 -2.32 3.87
CA SER A 130 -2.18 -2.46 2.97
C SER A 130 -1.46 -3.76 3.32
N LEU A 131 -1.39 -4.68 2.35
CA LEU A 131 -0.86 -6.03 2.57
C LEU A 131 0.33 -6.25 1.64
N SER A 132 1.52 -5.88 2.12
CA SER A 132 2.77 -6.07 1.39
C SER A 132 3.38 -7.42 1.74
N LEU A 133 2.66 -8.47 1.40
CA LEU A 133 3.04 -9.81 1.79
C LEU A 133 2.35 -10.78 0.83
N GLY A 134 2.78 -12.03 0.89
CA GLY A 134 2.12 -13.05 0.12
C GLY A 134 2.94 -14.33 0.10
N GLY A 135 2.39 -15.32 -0.58
CA GLY A 135 3.06 -16.59 -0.79
C GLY A 135 2.31 -17.33 -1.87
N GLY A 136 2.46 -18.66 -1.89
CA GLY A 136 1.79 -19.44 -2.91
C GLY A 136 0.28 -19.42 -2.76
N TYR A 137 -0.39 -19.79 -3.85
CA TYR A 137 -1.84 -19.74 -3.89
C TYR A 137 -2.45 -20.49 -2.71
N SER A 138 -3.42 -19.85 -2.06
CA SER A 138 -4.17 -20.47 -0.98
C SER A 138 -5.59 -19.92 -1.06
N SER A 139 -6.57 -20.80 -1.25
CA SER A 139 -7.95 -20.32 -1.31
C SER A 139 -8.36 -19.71 0.02
N SER A 140 -7.82 -20.20 1.13
CA SER A 140 -8.17 -19.68 2.44
C SER A 140 -7.66 -18.25 2.62
N VAL A 141 -6.43 -17.98 2.16
CA VAL A 141 -5.87 -16.63 2.25
C VAL A 141 -6.67 -15.69 1.35
N ASN A 142 -7.00 -16.14 0.14
CA ASN A 142 -7.81 -15.31 -0.76
C ASN A 142 -9.17 -15.01 -0.15
N SER A 143 -9.79 -16.02 0.46
CA SER A 143 -11.11 -15.83 1.06
C SER A 143 -11.05 -14.81 2.20
N ALA A 144 -9.98 -14.87 3.00
CA ALA A 144 -9.81 -13.90 4.07
C ALA A 144 -9.66 -12.48 3.52
N ALA A 145 -8.90 -12.30 2.45
CA ALA A 145 -8.77 -10.98 1.86
C ALA A 145 -10.10 -10.51 1.27
N ALA A 146 -10.85 -11.42 0.65
CA ALA A 146 -12.17 -11.07 0.14
C ALA A 146 -13.12 -10.69 1.27
N ARG A 147 -13.06 -11.39 2.40
CA ARG A 147 -13.88 -11.01 3.55
C ARG A 147 -13.53 -9.61 4.05
N LEU A 148 -12.25 -9.32 4.18
CA LEU A 148 -11.83 -8.01 4.66
C LEU A 148 -12.35 -6.90 3.74
N GLN A 149 -12.20 -7.09 2.43
CA GLN A 149 -12.73 -6.13 1.46
C GLN A 149 -14.24 -5.98 1.61
N SER A 150 -14.94 -7.11 1.67
CA SER A 150 -16.40 -7.08 1.76
C SER A 150 -16.89 -6.37 3.03
N SER A 151 -16.09 -6.38 4.10
CA SER A 151 -16.46 -5.72 5.34
C SER A 151 -16.45 -4.20 5.23
N GLY A 152 -15.94 -3.65 4.14
CA GLY A 152 -15.91 -2.19 3.97
C GLY A 152 -14.52 -1.61 4.14
N VAL A 153 -13.50 -2.33 3.72
CA VAL A 153 -12.11 -1.91 3.81
C VAL A 153 -11.53 -1.98 2.40
N MET A 154 -10.87 -0.93 1.97
CA MET A 154 -10.14 -0.96 0.70
C MET A 154 -8.88 -1.80 0.89
N VAL A 155 -8.82 -2.98 0.29
CA VAL A 155 -7.70 -3.89 0.47
C VAL A 155 -6.75 -3.77 -0.70
N ALA A 156 -5.53 -3.32 -0.44
CA ALA A 156 -4.49 -3.26 -1.46
C ALA A 156 -3.44 -4.33 -1.14
N VAL A 157 -3.11 -5.15 -2.14
CA VAL A 157 -2.19 -6.26 -1.93
C VAL A 157 -1.07 -6.24 -2.96
N ALA A 158 0.11 -6.67 -2.53
CA ALA A 158 1.26 -6.76 -3.44
C ALA A 158 1.09 -7.89 -4.44
N ALA A 159 1.48 -7.63 -5.68
CA ALA A 159 1.38 -8.68 -6.70
C ALA A 159 2.40 -9.80 -6.49
N GLY A 160 3.52 -9.50 -5.84
CA GLY A 160 4.60 -10.46 -5.67
C GLY A 160 5.79 -10.12 -6.55
N ASN A 161 6.93 -10.74 -6.24
CA ASN A 161 8.23 -10.31 -6.74
C ASN A 161 8.98 -11.41 -7.48
N ASN A 162 8.27 -12.24 -8.24
CA ASN A 162 8.90 -13.37 -8.90
C ASN A 162 8.93 -13.24 -10.41
N ASN A 163 8.61 -12.06 -10.95
CA ASN A 163 8.53 -11.87 -12.40
C ASN A 163 7.70 -12.99 -13.03
N ALA A 164 6.53 -13.23 -12.46
CA ALA A 164 5.67 -14.35 -12.84
C ALA A 164 4.21 -13.90 -12.81
N ASP A 165 3.32 -14.78 -13.27
CA ASP A 165 1.90 -14.43 -13.25
C ASP A 165 1.38 -14.49 -11.82
N ALA A 166 0.77 -13.39 -11.36
CA ALA A 166 0.30 -13.29 -9.99
C ALA A 166 -0.87 -14.23 -9.67
N ARG A 167 -1.44 -14.90 -10.68
CA ARG A 167 -2.54 -15.82 -10.42
C ARG A 167 -2.13 -16.97 -9.51
N ASN A 168 -0.82 -17.23 -9.37
CA ASN A 168 -0.32 -18.32 -8.55
C ASN A 168 0.13 -17.89 -7.16
N TYR A 169 -0.25 -16.68 -6.73
CA TYR A 169 0.17 -16.16 -5.45
C TYR A 169 -1.04 -15.62 -4.71
N SER A 170 -0.95 -15.60 -3.38
CA SER A 170 -2.05 -15.13 -2.54
C SER A 170 -1.51 -14.18 -1.50
N PRO A 171 -2.26 -13.13 -1.13
CA PRO A 171 -3.61 -12.82 -1.62
C PRO A 171 -3.68 -12.12 -3.00
N ALA A 172 -2.53 -12.00 -3.69
CA ALA A 172 -2.49 -11.32 -4.98
C ALA A 172 -3.58 -11.80 -5.93
N SER A 173 -3.87 -13.10 -5.94
CA SER A 173 -4.79 -13.66 -6.92
C SER A 173 -6.25 -13.52 -6.56
N GLU A 174 -6.59 -12.97 -5.40
CA GLU A 174 -7.99 -12.77 -5.07
C GLU A 174 -8.58 -11.65 -5.91
N PRO A 175 -9.60 -11.92 -6.74
CA PRO A 175 -10.06 -10.90 -7.69
C PRO A 175 -10.68 -9.67 -7.04
N SER A 176 -11.26 -9.81 -5.85
CA SER A 176 -12.04 -8.72 -5.29
C SER A 176 -11.21 -7.67 -4.55
N VAL A 177 -9.91 -7.90 -4.35
CA VAL A 177 -9.07 -6.89 -3.74
C VAL A 177 -8.29 -6.16 -4.84
N CYS A 178 -7.44 -5.23 -4.46
CA CYS A 178 -6.70 -4.40 -5.42
C CYS A 178 -5.27 -4.89 -5.49
N THR A 179 -4.90 -5.54 -6.59
CA THR A 179 -3.60 -6.18 -6.72
C THR A 179 -2.62 -5.24 -7.43
N VAL A 180 -1.48 -4.97 -6.80
CA VAL A 180 -0.62 -3.86 -7.17
C VAL A 180 0.73 -4.38 -7.67
N GLY A 181 1.07 -4.04 -8.93
CA GLY A 181 2.41 -4.28 -9.44
C GLY A 181 3.33 -3.08 -9.23
N ALA A 182 4.61 -3.27 -9.56
CA ALA A 182 5.63 -2.26 -9.31
C ALA A 182 6.22 -1.71 -10.60
N SER A 183 6.48 -0.40 -10.59
CA SER A 183 7.18 0.29 -11.66
C SER A 183 8.41 1.03 -11.14
N ASP A 184 9.28 1.45 -12.06
CA ASP A 184 10.49 2.19 -11.73
C ASP A 184 10.37 3.65 -12.20
N ARG A 185 11.39 4.44 -11.87
CA ARG A 185 11.31 5.88 -12.12
C ARG A 185 11.35 6.25 -13.60
N TYR A 186 11.67 5.30 -14.47
CA TYR A 186 11.64 5.51 -15.91
C TYR A 186 10.39 4.92 -16.53
N ASP A 187 9.37 4.63 -15.72
CA ASP A 187 8.09 4.12 -16.19
C ASP A 187 8.23 2.76 -16.86
N ARG A 188 9.15 1.94 -16.38
CA ARG A 188 9.22 0.54 -16.78
C ARG A 188 8.64 -0.32 -15.67
N ARG A 189 8.00 -1.42 -16.04
CA ARG A 189 7.68 -2.42 -15.04
C ARG A 189 8.95 -2.82 -14.32
N SER A 190 8.90 -2.85 -13.00
CA SER A 190 10.05 -3.28 -12.22
C SER A 190 10.42 -4.71 -12.62
N SER A 191 11.73 -4.99 -12.67
CA SER A 191 12.19 -6.27 -13.22
C SER A 191 11.62 -7.47 -12.47
N PHE A 192 11.38 -7.32 -11.17
CA PHE A 192 10.88 -8.41 -10.34
C PHE A 192 9.36 -8.49 -10.28
N SER A 193 8.65 -7.49 -10.80
CA SER A 193 7.22 -7.40 -10.52
C SER A 193 6.46 -8.54 -11.17
N ASN A 194 5.59 -9.19 -10.41
CA ASN A 194 4.62 -10.08 -11.03
C ASN A 194 3.69 -9.29 -11.93
N TYR A 195 2.95 -10.01 -12.76
CA TYR A 195 2.09 -9.45 -13.80
C TYR A 195 0.88 -10.35 -13.97
N GLY A 196 0.08 -10.11 -14.99
CA GLY A 196 -1.04 -10.97 -15.33
C GLY A 196 -2.36 -10.23 -15.24
N SER A 197 -3.41 -10.95 -15.68
CA SER A 197 -4.75 -10.39 -15.72
C SER A 197 -5.27 -9.99 -14.35
N VAL A 198 -4.76 -10.59 -13.27
CA VAL A 198 -5.29 -10.25 -11.95
C VAL A 198 -4.79 -8.88 -11.46
N LEU A 199 -3.73 -8.33 -12.03
CA LEU A 199 -3.27 -7.03 -11.58
C LEU A 199 -4.31 -5.97 -11.89
N ASP A 200 -4.49 -5.04 -10.96
CA ASP A 200 -5.40 -3.93 -11.16
C ASP A 200 -4.70 -2.63 -11.47
N ILE A 201 -3.44 -2.47 -11.05
CA ILE A 201 -2.80 -1.16 -11.02
C ILE A 201 -1.32 -1.36 -10.76
N PHE A 202 -0.50 -0.42 -11.21
CA PHE A 202 0.90 -0.34 -10.86
C PHE A 202 1.15 0.89 -10.00
N GLY A 203 2.12 0.78 -9.11
CA GLY A 203 2.61 1.92 -8.37
C GLY A 203 4.13 1.87 -8.29
N PRO A 204 4.74 2.98 -7.85
CA PRO A 204 6.20 3.02 -7.73
C PRO A 204 6.72 1.97 -6.77
N GLY A 205 7.68 1.17 -7.23
CA GLY A 205 8.18 0.08 -6.43
C GLY A 205 9.68 -0.15 -6.46
N THR A 206 10.41 0.51 -7.34
CA THR A 206 11.86 0.37 -7.41
C THR A 206 12.53 1.59 -6.78
N ASP A 207 13.42 1.35 -5.81
CA ASP A 207 14.19 2.42 -5.16
C ASP A 207 13.31 3.46 -4.48
N ILE A 208 12.56 2.97 -3.50
CA ILE A 208 11.58 3.77 -2.77
C ILE A 208 12.14 4.14 -1.40
N LEU A 209 12.35 5.43 -1.18
CA LEU A 209 12.84 5.94 0.09
C LEU A 209 11.68 6.07 1.08
N SER A 210 11.88 5.56 2.30
CA SER A 210 10.86 5.68 3.34
C SER A 210 11.52 5.48 4.70
N THR A 211 10.68 5.44 5.74
CA THR A 211 11.11 5.25 7.11
C THR A 211 11.67 3.84 7.33
N TRP A 212 12.54 3.72 8.33
CA TRP A 212 13.09 2.45 8.76
C TRP A 212 13.20 2.49 10.27
N ILE A 213 13.43 1.31 10.85
CA ILE A 213 13.53 1.22 12.30
C ILE A 213 14.81 1.89 12.80
N GLY A 214 14.84 2.17 14.10
CA GLY A 214 15.91 2.98 14.65
C GLY A 214 15.82 4.44 14.28
N GLY A 215 14.62 4.93 13.96
CA GLY A 215 14.45 6.32 13.59
C GLY A 215 15.19 6.73 12.34
N SER A 216 15.32 5.83 11.37
CA SER A 216 16.16 6.03 10.21
C SER A 216 15.32 6.04 8.93
N THR A 217 16.00 6.00 7.79
CA THR A 217 15.35 5.93 6.50
C THR A 217 16.23 5.08 5.59
N ARG A 218 15.60 4.49 4.57
CA ARG A 218 16.38 3.83 3.53
C ARG A 218 15.49 3.60 2.30
N SER A 219 16.16 3.30 1.20
CA SER A 219 15.51 3.00 -0.06
C SER A 219 15.57 1.49 -0.30
N ILE A 220 14.41 0.88 -0.53
CA ILE A 220 14.31 -0.52 -0.91
C ILE A 220 13.31 -0.66 -2.06
N SER A 221 13.22 -1.88 -2.60
CA SER A 221 12.43 -2.16 -3.79
C SER A 221 11.52 -3.37 -3.58
N GLY A 222 10.37 -3.34 -4.22
CA GLY A 222 9.48 -4.47 -4.23
C GLY A 222 8.07 -4.06 -4.58
N THR A 223 7.24 -5.06 -4.91
CA THR A 223 5.81 -4.80 -4.95
C THR A 223 5.30 -4.43 -3.56
N SER A 224 6.05 -4.81 -2.52
CA SER A 224 5.76 -4.34 -1.16
C SER A 224 5.77 -2.82 -1.05
N MET A 225 6.59 -2.14 -1.86
CA MET A 225 6.70 -0.69 -1.81
C MET A 225 5.65 -0.02 -2.69
N ALA A 226 5.21 -0.69 -3.76
CA ALA A 226 4.17 -0.16 -4.63
C ALA A 226 2.81 -0.17 -3.95
N THR A 227 2.53 -1.25 -3.21
CA THR A 227 1.25 -1.43 -2.52
C THR A 227 0.88 -0.26 -1.60
N PRO A 228 1.77 0.23 -0.73
CA PRO A 228 1.38 1.35 0.14
C PRO A 228 1.21 2.67 -0.59
N HIS A 229 1.81 2.85 -1.76
CA HIS A 229 1.46 4.02 -2.54
C HIS A 229 -0.02 3.99 -2.91
N VAL A 230 -0.50 2.82 -3.34
CA VAL A 230 -1.91 2.67 -3.70
C VAL A 230 -2.81 2.75 -2.47
N ALA A 231 -2.38 2.14 -1.35
CA ALA A 231 -3.19 2.23 -0.14
C ALA A 231 -3.31 3.68 0.33
N GLY A 232 -2.19 4.39 0.34
CA GLY A 232 -2.23 5.80 0.72
C GLY A 232 -3.03 6.64 -0.24
N LEU A 233 -2.94 6.35 -1.54
CA LEU A 233 -3.75 7.06 -2.51
C LEU A 233 -5.23 6.83 -2.26
N ALA A 234 -5.62 5.59 -1.97
CA ALA A 234 -7.01 5.28 -1.65
C ALA A 234 -7.50 6.09 -0.46
N ALA A 235 -6.70 6.15 0.61
CA ALA A 235 -7.08 6.91 1.81
C ALA A 235 -7.25 8.39 1.47
N TYR A 236 -6.34 8.93 0.68
CA TYR A 236 -6.40 10.32 0.24
C TYR A 236 -7.67 10.61 -0.56
N LEU A 237 -8.00 9.73 -1.50
CA LEU A 237 -9.18 9.94 -2.33
C LEU A 237 -10.47 9.73 -1.56
N MET A 238 -10.48 8.79 -0.61
CA MET A 238 -11.63 8.58 0.26
C MET A 238 -11.88 9.80 1.15
N THR A 239 -10.81 10.42 1.67
CA THR A 239 -10.98 11.63 2.46
C THR A 239 -11.60 12.75 1.62
N LEU A 240 -11.20 12.83 0.34
CA LEU A 240 -11.78 13.83 -0.55
C LEU A 240 -13.22 13.53 -0.94
N GLY A 241 -13.75 12.36 -0.60
CA GLY A 241 -15.09 11.99 -0.99
C GLY A 241 -15.23 11.51 -2.41
N LYS A 242 -14.12 11.29 -3.11
CA LYS A 242 -14.18 10.92 -4.52
C LYS A 242 -14.55 9.47 -4.73
N THR A 243 -14.38 8.61 -3.73
CA THR A 243 -14.64 7.19 -3.88
C THR A 243 -14.86 6.61 -2.49
N THR A 244 -15.13 5.32 -2.44
CA THR A 244 -15.40 4.61 -1.20
C THR A 244 -14.52 3.37 -1.16
N ALA A 245 -14.53 2.67 -0.02
CA ALA A 245 -13.70 1.48 0.10
C ALA A 245 -14.06 0.44 -0.95
N ALA A 246 -15.35 0.30 -1.25
CA ALA A 246 -15.80 -0.74 -2.17
C ALA A 246 -15.46 -0.41 -3.62
N SER A 247 -15.26 0.86 -3.94
CA SER A 247 -15.10 1.31 -5.32
C SER A 247 -13.72 1.90 -5.60
N ALA A 248 -12.85 2.01 -4.60
CA ALA A 248 -11.62 2.78 -4.75
C ALA A 248 -10.66 2.15 -5.73
N CYS A 249 -10.54 0.82 -5.75
CA CYS A 249 -9.64 0.18 -6.71
C CYS A 249 -10.08 0.49 -8.15
N ARG A 250 -11.38 0.34 -8.43
CA ARG A 250 -11.90 0.69 -9.74
C ARG A 250 -11.68 2.16 -10.05
N TYR A 251 -11.86 3.03 -9.05
CA TYR A 251 -11.68 4.46 -9.28
C TYR A 251 -10.23 4.78 -9.62
N ILE A 252 -9.30 4.18 -8.89
CA ILE A 252 -7.88 4.40 -9.15
C ILE A 252 -7.52 3.89 -10.55
N ALA A 253 -8.03 2.74 -10.94
CA ALA A 253 -7.80 2.25 -12.29
C ALA A 253 -8.41 3.18 -13.34
N ASP A 254 -9.64 3.67 -13.11
CA ASP A 254 -10.31 4.55 -14.06
C ASP A 254 -9.55 5.85 -14.26
N THR A 255 -8.91 6.36 -13.21
CA THR A 255 -8.27 7.66 -13.24
C THR A 255 -6.75 7.57 -13.41
N ALA A 256 -6.21 6.37 -13.62
CA ALA A 256 -4.77 6.16 -13.72
C ALA A 256 -4.20 6.79 -14.98
N ASN A 257 -2.89 6.97 -14.98
CA ASN A 257 -2.17 7.20 -16.23
C ASN A 257 -2.14 5.90 -17.02
N LYS A 258 -2.58 5.95 -18.27
CA LYS A 258 -2.82 4.77 -19.08
C LYS A 258 -1.82 4.70 -20.23
N GLY A 259 -1.23 3.54 -20.41
CA GLY A 259 -0.34 3.30 -21.54
C GLY A 259 1.05 3.87 -21.41
N ASP A 260 1.46 4.30 -20.22
CA ASP A 260 2.72 4.99 -20.07
C ASP A 260 3.86 4.08 -19.63
N LEU A 261 3.57 2.85 -19.23
CA LEU A 261 4.59 1.92 -18.75
C LEU A 261 5.10 1.06 -19.89
N SER A 262 6.37 0.69 -19.81
CA SER A 262 6.99 -0.23 -20.75
C SER A 262 7.23 -1.58 -20.07
N ASN A 263 7.50 -2.59 -20.90
CA ASN A 263 7.67 -3.98 -20.47
C ASN A 263 6.47 -4.53 -19.70
N ILE A 264 5.28 -4.15 -20.15
CA ILE A 264 4.03 -4.71 -19.65
C ILE A 264 3.64 -5.88 -20.55
N PRO A 265 3.57 -7.10 -20.03
CA PRO A 265 3.22 -8.23 -20.89
C PRO A 265 1.82 -8.06 -21.43
N PHE A 266 1.61 -8.54 -22.65
CA PHE A 266 0.29 -8.54 -23.25
C PHE A 266 -0.71 -9.19 -22.31
N GLY A 267 -1.82 -8.51 -22.07
CA GLY A 267 -2.85 -9.01 -21.17
C GLY A 267 -2.79 -8.46 -19.76
N THR A 268 -1.74 -7.73 -19.41
CA THR A 268 -1.65 -7.05 -18.13
C THR A 268 -2.01 -5.58 -18.32
N VAL A 269 -2.74 -5.01 -17.35
CA VAL A 269 -3.12 -3.60 -17.47
C VAL A 269 -1.89 -2.71 -17.53
N ASN A 270 -1.98 -1.65 -18.32
CA ASN A 270 -0.93 -0.63 -18.37
C ASN A 270 -1.50 0.61 -17.71
N LEU A 271 -1.53 0.60 -16.37
CA LEU A 271 -2.21 1.62 -15.57
C LEU A 271 -1.30 1.95 -14.40
N LEU A 272 -1.02 3.24 -14.23
CA LEU A 272 -0.13 3.72 -13.17
C LEU A 272 -0.91 4.68 -12.29
N ALA A 273 -0.90 4.41 -10.98
CA ALA A 273 -1.70 5.17 -10.03
C ALA A 273 -1.40 6.66 -10.12
N TYR A 274 -2.46 7.47 -10.08
CA TYR A 274 -2.35 8.91 -10.31
C TYR A 274 -3.45 9.62 -9.51
N ASN A 275 -3.09 10.68 -8.80
CA ASN A 275 -4.04 11.35 -7.92
C ASN A 275 -4.88 12.42 -8.61
N ASN A 276 -4.58 12.77 -9.86
CA ASN A 276 -5.38 13.73 -10.63
C ASN A 276 -5.49 15.10 -9.97
N TYR A 277 -4.52 15.47 -9.15
CA TYR A 277 -4.64 16.71 -8.39
C TYR A 277 -4.33 17.91 -9.26
N GLN A 278 -5.23 18.89 -9.20
CA GLN A 278 -5.15 20.17 -9.89
C GLN A 278 -5.06 21.24 -8.81
N ALA A 279 -3.97 22.00 -8.80
CA ALA A 279 -3.85 23.10 -7.85
C ALA A 279 -4.82 24.23 -8.19
#